data_5U8E
#
_entry.id   5U8E
#
_cell.length_a   48.131
_cell.length_b   61.117
_cell.length_c   60.991
_cell.angle_alpha   90.00
_cell.angle_beta   95.86
_cell.angle_gamma   90.00
#
_symmetry.space_group_name_H-M   'P 1 21 1'
#
loop_
_entity.id
_entity.type
_entity.pdbx_description
1 polymer 'arginine kinase'
2 non-polymer 'SODIUM ION'
3 water water
#
_entity_poly.entity_id   1
_entity_poly.type   'polypeptide(L)'
_entity_poly.pdbx_seq_one_letter_code
;MGSHHHHHHHHHHSSGHLEVLFQGPSHMVDQATLDKLEAGFKKLQDATD(CSO)KSLLKKYLNREVFDQCKSLKTALGAT
LLDCIQSGVENLDSGVGIYAPDAEAYTLFAPIFNPIIEDYHEGFKPTDKHPPTDFGDINTIVNVDPSGKYVVSTHVRCGR
SLKGYPFNPCLTEANYKEMEDKVSAIFGTFEGELKGKYYPLTGMDKATQQQLIDDHFLFKEGDRFLQAANACRYWPTGRG
IYHNDAKTFLVWVNEEDHLRIISMQKGGDLKTIFQRLVNAVNTIESKLPFSRDDRLGFLTFCPTNLGTTIRASVHIALPK
LAKDKKQLEAIAAKFNLQVRGTRGEHTESEGGVYDISNKRRMGLTEYQAVKEMQDGILEMIKMEEAAP
;
_entity_poly.pdbx_strand_id   A
#
# COMPACT_ATOMS: atom_id res chain seq x y z
N MET A 28 -3.31 30.06 2.60
CA MET A 28 -4.48 30.68 3.21
C MET A 28 -5.51 29.64 3.66
N VAL A 29 -5.48 29.26 4.94
CA VAL A 29 -6.38 28.25 5.50
C VAL A 29 -7.53 28.96 6.21
N ASP A 30 -8.77 28.64 5.81
CA ASP A 30 -9.89 29.42 6.28
C ASP A 30 -10.20 29.13 7.74
N GLN A 31 -10.87 30.09 8.38
CA GLN A 31 -11.11 30.03 9.81
C GLN A 31 -11.93 28.81 10.20
N ALA A 32 -12.88 28.42 9.36
CA ALA A 32 -13.68 27.23 9.66
C ALA A 32 -12.80 25.99 9.80
N THR A 33 -11.77 25.87 8.96
CA THR A 33 -10.86 24.74 9.07
C THR A 33 -10.00 24.86 10.34
N LEU A 34 -9.55 26.07 10.65
CA LEU A 34 -8.75 26.26 11.87
C LEU A 34 -9.55 25.89 13.10
N ASP A 35 -10.84 26.24 13.11
CA ASP A 35 -11.72 25.86 14.21
C ASP A 35 -11.85 24.34 14.30
N LYS A 36 -12.01 23.66 13.15
CA LYS A 36 -12.06 22.21 13.15
C LYS A 36 -10.73 21.61 13.59
N LEU A 37 -9.62 22.21 13.16
CA LEU A 37 -8.31 21.73 13.56
C LEU A 37 -8.10 21.88 15.06
N GLU A 38 -8.50 23.02 15.63
CA GLU A 38 -8.36 23.22 17.07
C GLU A 38 -9.21 22.24 17.86
N ALA A 39 -10.44 21.99 17.42
CA ALA A 39 -11.27 21.02 18.12
C ALA A 39 -10.75 19.60 17.92
N GLY A 40 -10.14 19.31 16.77
CA GLY A 40 -9.55 18.00 16.57
C GLY A 40 -8.34 17.80 17.48
N PHE A 41 -7.49 18.81 17.58
CA PHE A 41 -6.36 18.73 18.50
C PHE A 41 -6.84 18.50 19.93
N LYS A 42 -7.81 19.30 20.38
CA LYS A 42 -8.26 19.17 21.77
C LYS A 42 -8.91 17.80 22.01
N LYS A 43 -9.67 17.31 21.05
CA LYS A 43 -10.27 15.99 21.19
C LYS A 43 -9.20 14.90 21.34
N LEU A 44 -8.08 15.04 20.61
CA LEU A 44 -6.99 14.08 20.75
C LEU A 44 -6.34 14.18 22.13
N GLN A 45 -6.14 15.40 22.65
CA GLN A 45 -5.60 15.55 23.99
C GLN A 45 -6.50 14.91 25.03
N ASP A 46 -7.81 15.19 24.97
CA ASP A 46 -8.74 14.69 25.97
C ASP A 46 -8.93 13.18 25.92
N ALA A 47 -8.56 12.53 24.82
CA ALA A 47 -8.66 11.07 24.76
C ALA A 47 -7.44 10.50 25.46
N THR A 48 -7.56 10.27 26.77
CA THR A 48 -6.45 9.70 27.53
C THR A 48 -6.14 8.28 27.11
N ASP A 49 -7.15 7.57 26.62
CA ASP A 49 -7.03 6.19 26.19
C ASP A 49 -6.29 5.99 24.87
N LYS A 51 -4.15 5.61 21.59
CA LYS A 51 -2.79 5.13 21.33
C LYS A 51 -2.31 5.35 19.88
N SER A 52 -2.98 6.22 19.13
CA SER A 52 -2.60 6.37 17.73
C SER A 52 -1.27 7.11 17.61
N LEU A 53 -0.55 6.84 16.52
CA LEU A 53 0.66 7.62 16.25
C LEU A 53 0.34 9.09 16.07
N LEU A 54 -0.83 9.41 15.47
CA LEU A 54 -1.22 10.81 15.37
C LEU A 54 -1.24 11.46 16.74
N LYS A 55 -1.95 10.87 17.69
CA LYS A 55 -1.98 11.42 19.04
C LYS A 55 -0.58 11.52 19.63
N LYS A 56 0.25 10.50 19.37
CA LYS A 56 1.57 10.41 19.98
C LYS A 56 2.49 11.56 19.58
N TYR A 57 2.34 12.09 18.37
CA TYR A 57 3.29 13.07 17.84
C TYR A 57 2.69 14.42 17.51
N LEU A 58 1.36 14.53 17.43
CA LEU A 58 0.72 15.83 17.20
C LEU A 58 0.62 16.59 18.53
N ASN A 59 1.79 17.03 19.01
CA ASN A 59 1.81 17.89 20.18
C ASN A 59 1.52 19.32 19.74
N ARG A 60 1.50 20.24 20.71
CA ARG A 60 1.07 21.61 20.41
C ARG A 60 2.06 22.30 19.47
N GLU A 61 3.36 22.02 19.63
CA GLU A 61 4.37 22.62 18.76
C GLU A 61 4.19 22.17 17.31
N VAL A 62 4.07 20.87 17.08
CA VAL A 62 3.85 20.35 15.73
C VAL A 62 2.54 20.87 15.16
N PHE A 63 1.48 20.85 15.97
CA PHE A 63 0.17 21.36 15.53
C PHE A 63 0.29 22.78 15.01
N ASP A 64 1.01 23.64 15.73
CA ASP A 64 1.07 25.06 15.34
C ASP A 64 1.99 25.25 14.15
N GLN A 65 3.02 24.42 14.02
CA GLN A 65 3.86 24.42 12.83
C GLN A 65 3.05 24.14 11.57
N CYS A 66 1.99 23.31 11.69
CA CYS A 66 1.29 22.78 10.52
C CYS A 66 -0.08 23.42 10.27
N LYS A 67 -0.74 23.91 11.31
CA LYS A 67 -2.17 24.18 11.22
C LYS A 67 -2.51 25.23 10.17
N SER A 68 -1.60 26.16 9.89
CA SER A 68 -1.91 27.22 8.94
C SER A 68 -1.29 27.01 7.56
N LEU A 69 -0.76 25.84 7.27
CA LEU A 69 -0.19 25.58 5.95
C LEU A 69 -1.23 24.99 5.00
N LYS A 70 -0.96 25.16 3.70
CA LYS A 70 -1.85 24.68 2.64
C LYS A 70 -1.00 24.37 1.41
N THR A 71 -1.22 23.22 0.79
CA THR A 71 -0.44 22.81 -0.38
C THR A 71 -0.95 23.51 -1.63
N ALA A 72 -0.15 23.44 -2.70
CA ALA A 72 -0.52 24.07 -3.97
C ALA A 72 -1.87 23.58 -4.50
N LEU A 73 -2.12 22.26 -4.44
CA LEU A 73 -3.42 21.72 -4.84
C LEU A 73 -4.52 22.04 -3.83
N GLY A 74 -4.21 22.67 -2.70
CA GLY A 74 -5.22 23.12 -1.78
C GLY A 74 -5.40 22.29 -0.54
N ALA A 75 -4.55 21.29 -0.31
CA ALA A 75 -4.75 20.42 0.84
C ALA A 75 -4.30 21.10 2.14
N THR A 76 -4.98 20.71 3.21
CA THR A 76 -4.89 21.30 4.53
C THR A 76 -4.43 20.23 5.53
N LEU A 77 -3.94 20.66 6.70
CA LEU A 77 -3.65 19.69 7.77
C LEU A 77 -4.88 18.85 8.11
N LEU A 78 -6.06 19.46 8.11
CA LEU A 78 -7.29 18.71 8.35
C LEU A 78 -7.47 17.60 7.32
N ASP A 79 -7.05 17.85 6.07
CA ASP A 79 -7.11 16.84 5.03
C ASP A 79 -6.14 15.69 5.29
N CYS A 80 -5.22 15.85 6.25
CA CYS A 80 -4.30 14.81 6.70
C CYS A 80 -4.83 14.06 7.92
N ILE A 81 -5.33 14.78 8.93
CA ILE A 81 -5.52 14.20 10.26
C ILE A 81 -6.97 13.90 10.60
N GLN A 82 -7.93 14.27 9.76
CA GLN A 82 -9.33 14.16 10.17
C GLN A 82 -9.70 12.73 10.52
N SER A 83 -9.17 11.75 9.78
CA SER A 83 -9.63 10.38 10.00
C SER A 83 -9.14 9.82 11.33
N GLY A 84 -7.93 10.20 11.76
CA GLY A 84 -7.49 9.85 13.11
C GLY A 84 -8.16 10.67 14.19
N VAL A 85 -8.66 11.86 13.87
CA VAL A 85 -9.44 12.61 14.83
C VAL A 85 -10.80 11.96 15.01
N GLU A 86 -11.47 11.62 13.90
CA GLU A 86 -12.78 10.98 13.98
C GLU A 86 -12.71 9.56 14.54
N ASN A 87 -11.67 8.81 14.21
CA ASN A 87 -11.52 7.41 14.62
C ASN A 87 -10.36 7.31 15.62
N LEU A 88 -10.65 7.54 16.90
CA LEU A 88 -9.60 7.50 17.91
C LEU A 88 -8.95 6.12 18.04
N ASP A 89 -9.61 5.04 17.62
CA ASP A 89 -8.96 3.73 17.69
C ASP A 89 -8.00 3.46 16.53
N SER A 90 -7.76 4.44 15.64
CA SER A 90 -6.78 4.31 14.57
C SER A 90 -5.41 3.92 15.11
N GLY A 91 -4.75 2.99 14.42
CA GLY A 91 -3.37 2.69 14.74
C GLY A 91 -2.42 3.81 14.38
N VAL A 92 -2.53 4.33 13.16
CA VAL A 92 -1.69 5.41 12.65
C VAL A 92 -2.45 6.72 12.77
N GLY A 93 -3.50 6.88 11.95
CA GLY A 93 -4.41 8.00 12.06
C GLY A 93 -4.05 9.24 11.27
N ILE A 94 -3.17 9.13 10.27
CA ILE A 94 -2.88 10.23 9.37
C ILE A 94 -2.83 9.66 7.95
N TYR A 95 -3.28 10.46 6.99
CA TYR A 95 -3.19 10.12 5.59
C TYR A 95 -2.70 11.33 4.81
N ALA A 96 -2.23 11.07 3.59
CA ALA A 96 -1.70 12.14 2.76
C ALA A 96 -2.73 12.53 1.72
N PRO A 97 -3.11 13.81 1.65
CA PRO A 97 -4.15 14.23 0.69
C PRO A 97 -3.60 14.50 -0.70
N ASP A 98 -2.29 14.72 -0.81
CA ASP A 98 -1.60 14.85 -2.07
C ASP A 98 -0.11 14.59 -1.84
N ALA A 99 0.67 14.67 -2.91
CA ALA A 99 2.08 14.36 -2.81
C ALA A 99 2.82 15.39 -1.97
N GLU A 100 2.50 16.67 -2.17
CA GLU A 100 3.22 17.74 -1.48
C GLU A 100 3.00 17.71 0.03
N ALA A 101 1.85 17.17 0.48
CA ALA A 101 1.57 17.13 1.93
C ALA A 101 2.66 16.46 2.73
N TYR A 102 3.31 15.43 2.16
CA TYR A 102 4.36 14.74 2.91
C TYR A 102 5.48 15.70 3.29
N THR A 103 5.87 16.59 2.38
CA THR A 103 6.94 17.56 2.64
C THR A 103 6.43 18.77 3.42
N LEU A 104 5.32 19.35 2.98
CA LEU A 104 4.78 20.54 3.64
C LEU A 104 4.41 20.27 5.11
N PHE A 105 3.76 19.15 5.38
CA PHE A 105 3.38 18.79 6.74
C PHE A 105 4.37 17.80 7.37
N ALA A 106 5.61 17.80 6.90
CA ALA A 106 6.69 16.95 7.42
C ALA A 106 6.81 16.94 8.94
N PRO A 107 6.56 18.04 9.66
CA PRO A 107 6.68 17.94 11.13
C PRO A 107 5.78 16.89 11.77
N ILE A 108 4.65 16.53 11.17
CA ILE A 108 3.84 15.47 11.74
C ILE A 108 4.07 14.13 11.02
N PHE A 109 4.23 14.15 9.70
CA PHE A 109 4.48 12.89 8.98
C PHE A 109 5.81 12.26 9.40
N ASN A 110 6.87 13.07 9.53
CA ASN A 110 8.19 12.50 9.79
C ASN A 110 8.26 11.65 11.07
N PRO A 111 7.80 12.12 12.23
CA PRO A 111 7.85 11.25 13.42
C PRO A 111 6.91 10.05 13.33
N ILE A 112 5.75 10.20 12.71
CA ILE A 112 4.86 9.05 12.46
C ILE A 112 5.55 8.04 11.56
N ILE A 113 6.17 8.50 10.47
CA ILE A 113 6.86 7.60 9.54
C ILE A 113 7.99 6.86 10.26
N GLU A 114 8.78 7.57 11.08
CA GLU A 114 9.89 6.94 11.78
C GLU A 114 9.41 5.82 12.69
N ASP A 115 8.37 6.10 13.47
CA ASP A 115 7.84 5.13 14.41
C ASP A 115 7.30 3.90 13.68
N TYR A 116 6.38 4.10 12.72
CA TYR A 116 5.79 2.96 12.03
C TYR A 116 6.85 2.11 11.34
N HIS A 117 7.78 2.76 10.63
CA HIS A 117 8.80 2.02 9.89
C HIS A 117 10.04 1.72 10.73
N GLU A 118 9.94 1.85 12.06
CA GLU A 118 10.96 1.38 13.00
C GLU A 118 12.37 1.83 12.61
N GLY A 119 12.64 3.11 12.80
CA GLY A 119 13.98 3.63 12.63
C GLY A 119 14.24 4.42 11.36
N PHE A 120 13.23 4.67 10.52
CA PHE A 120 13.45 5.49 9.34
C PHE A 120 13.31 6.94 9.75
N LYS A 121 14.44 7.54 10.13
CA LYS A 121 14.47 8.81 10.83
C LYS A 121 14.21 9.98 9.88
N PRO A 122 13.90 11.16 10.41
CA PRO A 122 13.65 12.30 9.53
C PRO A 122 14.79 12.61 8.58
N THR A 123 16.03 12.34 9.00
CA THR A 123 17.19 12.57 8.14
C THR A 123 17.55 11.34 7.30
N ASP A 124 16.83 10.22 7.45
CA ASP A 124 17.09 9.04 6.62
C ASP A 124 16.56 9.27 5.21
N LYS A 125 17.07 8.50 4.25
CA LYS A 125 16.72 8.67 2.85
C LYS A 125 16.48 7.32 2.20
N HIS A 126 15.40 7.23 1.44
CA HIS A 126 15.07 5.99 0.77
C HIS A 126 15.88 5.87 -0.54
N PRO A 127 16.38 4.69 -0.85
CA PRO A 127 17.24 4.51 -2.05
C PRO A 127 16.47 4.70 -3.35
N PRO A 128 17.18 4.90 -4.45
CA PRO A 128 16.50 4.95 -5.75
C PRO A 128 15.86 3.60 -6.11
N THR A 129 14.82 3.67 -6.93
CA THR A 129 14.15 2.46 -7.40
C THR A 129 15.15 1.51 -8.05
N ASP A 130 15.10 0.25 -7.63
CA ASP A 130 15.95 -0.78 -8.23
C ASP A 130 15.24 -2.11 -8.07
N PHE A 131 14.69 -2.63 -9.16
CA PHE A 131 14.08 -3.94 -9.16
C PHE A 131 15.10 -5.07 -9.20
N GLY A 132 16.37 -4.75 -9.40
CA GLY A 132 17.44 -5.73 -9.34
C GLY A 132 17.48 -6.71 -10.52
N ASP A 133 18.32 -7.72 -10.33
CA ASP A 133 18.54 -8.75 -11.34
C ASP A 133 17.53 -9.88 -11.09
N ILE A 134 16.46 -9.88 -11.89
CA ILE A 134 15.36 -10.84 -11.76
C ILE A 134 15.86 -12.28 -11.84
N ASN A 135 17.00 -12.52 -12.49
CA ASN A 135 17.51 -13.87 -12.63
C ASN A 135 18.07 -14.43 -11.33
N THR A 136 18.22 -13.61 -10.31
CA THR A 136 18.58 -14.11 -8.99
C THR A 136 17.37 -14.46 -8.14
N ILE A 137 16.17 -14.20 -8.64
CA ILE A 137 14.94 -14.58 -7.95
C ILE A 137 14.55 -15.97 -8.40
N VAL A 138 14.11 -16.81 -7.46
CA VAL A 138 13.84 -18.22 -7.74
C VAL A 138 12.42 -18.57 -7.32
N ASN A 139 11.99 -19.74 -7.76
CA ASN A 139 10.79 -20.38 -7.24
C ASN A 139 11.06 -20.84 -5.80
N VAL A 140 10.34 -20.28 -4.83
CA VAL A 140 10.65 -20.59 -3.44
C VAL A 140 10.23 -21.99 -3.02
N ASP A 141 9.39 -22.66 -3.79
CA ASP A 141 8.94 -24.02 -3.44
C ASP A 141 8.58 -24.74 -4.73
N PRO A 142 9.58 -25.26 -5.46
CA PRO A 142 9.30 -25.89 -6.76
C PRO A 142 8.33 -27.05 -6.69
N SER A 143 8.35 -27.82 -5.61
CA SER A 143 7.50 -29.01 -5.53
C SER A 143 6.05 -28.70 -5.19
N GLY A 144 5.72 -27.47 -4.81
CA GLY A 144 4.37 -27.18 -4.35
C GLY A 144 3.99 -27.91 -3.08
N LYS A 145 4.97 -28.29 -2.27
CA LYS A 145 4.73 -29.05 -1.04
C LYS A 145 4.23 -28.17 0.09
N TYR A 146 4.60 -26.88 0.09
CA TYR A 146 4.39 -25.99 1.21
C TYR A 146 3.63 -24.72 0.81
N VAL A 147 4.08 -24.08 -0.25
CA VAL A 147 3.55 -22.78 -0.64
C VAL A 147 2.27 -22.99 -1.45
N VAL A 148 1.15 -22.49 -0.93
CA VAL A 148 -0.10 -22.56 -1.66
C VAL A 148 -0.12 -21.55 -2.80
N SER A 149 0.35 -20.33 -2.52
CA SER A 149 0.28 -19.26 -3.51
C SER A 149 1.25 -18.17 -3.10
N THR A 150 1.65 -17.38 -4.09
CA THR A 150 2.57 -16.28 -3.90
C THR A 150 1.94 -15.02 -4.48
N HIS A 151 2.19 -13.88 -3.82
CA HIS A 151 1.65 -12.57 -4.19
C HIS A 151 2.77 -11.56 -4.10
N VAL A 152 2.86 -10.67 -5.09
CA VAL A 152 3.66 -9.45 -4.95
C VAL A 152 2.79 -8.26 -5.32
N ARG A 153 2.75 -7.26 -4.44
CA ARG A 153 1.84 -6.13 -4.56
C ARG A 153 2.61 -4.84 -4.42
N CYS A 154 2.21 -3.83 -5.20
CA CYS A 154 2.78 -2.50 -5.02
C CYS A 154 1.66 -1.47 -5.13
N GLY A 155 2.02 -0.21 -4.90
CA GLY A 155 1.08 0.89 -5.03
C GLY A 155 1.75 2.06 -5.71
N ARG A 156 0.93 2.86 -6.41
CA ARG A 156 1.43 4.03 -7.14
C ARG A 156 0.39 5.13 -7.07
N SER A 157 0.86 6.36 -6.90
CA SER A 157 0.06 7.55 -7.12
C SER A 157 0.50 8.18 -8.43
N LEU A 158 -0.45 8.69 -9.19
CA LEU A 158 -0.18 9.29 -10.49
C LEU A 158 0.23 10.74 -10.31
N LYS A 159 1.40 11.09 -10.85
CA LYS A 159 1.90 12.46 -10.72
C LYS A 159 0.87 13.44 -11.26
N GLY A 160 0.66 14.53 -10.53
CA GLY A 160 -0.25 15.57 -10.93
C GLY A 160 -1.62 15.49 -10.29
N TYR A 161 -1.99 14.35 -9.73
CA TYR A 161 -3.32 14.35 -9.16
C TYR A 161 -3.27 14.45 -7.65
N PRO A 162 -4.25 15.12 -7.03
CA PRO A 162 -4.49 14.91 -5.60
C PRO A 162 -4.64 13.42 -5.28
N PHE A 163 -4.42 13.06 -4.00
CA PHE A 163 -4.74 11.72 -3.56
C PHE A 163 -6.22 11.68 -3.23
N ASN A 164 -6.72 10.50 -2.85
CA ASN A 164 -8.16 10.34 -2.75
C ASN A 164 -8.86 11.26 -1.76
N PRO A 165 -8.23 11.75 -0.67
CA PRO A 165 -8.92 12.76 0.16
C PRO A 165 -9.37 13.99 -0.59
N CYS A 166 -8.72 14.30 -1.71
CA CYS A 166 -8.94 15.60 -2.35
C CYS A 166 -9.22 15.50 -3.85
N LEU A 167 -9.41 14.30 -4.39
CA LEU A 167 -9.78 14.20 -5.79
C LEU A 167 -11.18 14.79 -6.01
N THR A 168 -11.35 15.52 -7.11
CA THR A 168 -12.66 16.00 -7.49
C THR A 168 -13.37 14.94 -8.33
N GLU A 169 -14.68 15.09 -8.47
CA GLU A 169 -15.42 14.17 -9.33
C GLU A 169 -14.82 14.13 -10.74
N ALA A 170 -14.53 15.31 -11.30
CA ALA A 170 -13.93 15.39 -12.63
C ALA A 170 -12.57 14.70 -12.66
N ASN A 171 -11.77 14.89 -11.61
CA ASN A 171 -10.51 14.17 -11.47
C ASN A 171 -10.71 12.66 -11.57
N TYR A 172 -11.69 12.14 -10.81
CA TYR A 172 -11.95 10.70 -10.82
C TYR A 172 -12.27 10.22 -12.22
N LYS A 173 -13.13 10.96 -12.95
CA LYS A 173 -13.51 10.53 -14.30
C LYS A 173 -12.31 10.59 -15.25
N GLU A 174 -11.56 11.68 -15.22
CA GLU A 174 -10.44 11.79 -16.15
C GLU A 174 -9.36 10.75 -15.87
N MET A 175 -9.08 10.49 -14.59
CA MET A 175 -8.10 9.44 -14.28
C MET A 175 -8.57 8.09 -14.79
N GLU A 176 -9.85 7.75 -14.53
CA GLU A 176 -10.37 6.49 -15.03
C GLU A 176 -10.26 6.40 -16.54
N ASP A 177 -10.56 7.49 -17.24
CA ASP A 177 -10.36 7.55 -18.68
C ASP A 177 -8.92 7.21 -19.07
N LYS A 178 -7.95 7.93 -18.47
CA LYS A 178 -6.55 7.72 -18.83
C LYS A 178 -6.11 6.30 -18.52
N VAL A 179 -6.43 5.84 -17.31
CA VAL A 179 -5.93 4.56 -16.85
C VAL A 179 -6.59 3.42 -17.61
N SER A 180 -7.90 3.47 -17.78
CA SER A 180 -8.58 2.42 -18.52
C SER A 180 -8.10 2.38 -19.96
N ALA A 181 -7.77 3.53 -20.52
CA ALA A 181 -7.19 3.57 -21.86
C ALA A 181 -5.87 2.80 -21.91
N ILE A 182 -4.97 3.08 -20.97
CA ILE A 182 -3.71 2.34 -20.90
C ILE A 182 -3.99 0.84 -20.78
N PHE A 183 -4.92 0.45 -19.91
CA PHE A 183 -5.20 -0.96 -19.67
C PHE A 183 -5.60 -1.67 -20.95
N GLY A 184 -6.37 -0.98 -21.81
CA GLY A 184 -6.81 -1.55 -23.07
C GLY A 184 -5.70 -1.83 -24.07
N THR A 185 -4.51 -1.30 -23.85
CA THR A 185 -3.38 -1.56 -24.75
C THR A 185 -2.49 -2.67 -24.25
N PHE A 186 -2.75 -3.22 -23.07
CA PHE A 186 -1.93 -4.32 -22.55
C PHE A 186 -2.00 -5.51 -23.49
N GLU A 187 -0.84 -6.01 -23.92
CA GLU A 187 -0.75 -7.20 -24.75
C GLU A 187 -0.15 -8.34 -23.93
N GLY A 188 0.01 -9.49 -24.59
CA GLY A 188 0.71 -10.61 -23.98
C GLY A 188 0.04 -11.11 -22.71
N GLU A 189 0.87 -11.46 -21.73
CA GLU A 189 0.37 -11.99 -20.46
C GLU A 189 -0.48 -10.97 -19.68
N LEU A 190 -0.33 -9.68 -19.96
CA LEU A 190 -1.11 -8.64 -19.29
C LEU A 190 -2.45 -8.36 -19.96
N LYS A 191 -2.71 -8.93 -21.13
CA LYS A 191 -3.97 -8.66 -21.82
C LYS A 191 -5.15 -9.11 -20.97
N GLY A 192 -6.20 -8.31 -20.95
CA GLY A 192 -7.33 -8.64 -20.12
C GLY A 192 -8.45 -7.63 -20.25
N LYS A 193 -9.10 -7.28 -19.14
CA LYS A 193 -10.29 -6.46 -19.21
C LYS A 193 -10.38 -5.54 -18.01
N TYR A 194 -10.73 -4.28 -18.27
CA TYR A 194 -11.10 -3.33 -17.23
C TYR A 194 -12.59 -3.41 -16.92
N TYR A 195 -12.93 -3.42 -15.64
CA TYR A 195 -14.30 -3.36 -15.14
C TYR A 195 -14.51 -2.12 -14.29
N PRO A 196 -15.22 -1.10 -14.77
CA PRO A 196 -15.61 0.01 -13.91
C PRO A 196 -16.56 -0.45 -12.82
N LEU A 197 -16.41 0.13 -11.63
CA LEU A 197 -17.42 -0.11 -10.60
C LEU A 197 -18.71 0.63 -10.93
N THR A 198 -18.61 1.74 -11.66
CA THR A 198 -19.78 2.49 -12.09
C THR A 198 -20.57 1.67 -13.10
N GLY A 199 -21.84 1.43 -12.81
CA GLY A 199 -22.67 0.65 -13.70
C GLY A 199 -22.34 -0.83 -13.71
N MET A 200 -21.57 -1.32 -12.74
CA MET A 200 -21.28 -2.75 -12.68
C MET A 200 -22.55 -3.52 -12.30
N ASP A 201 -22.83 -4.61 -13.02
CA ASP A 201 -24.04 -5.38 -12.76
C ASP A 201 -23.79 -6.52 -11.77
N LYS A 202 -24.88 -7.05 -11.21
CA LYS A 202 -24.76 -7.97 -10.09
C LYS A 202 -24.08 -9.27 -10.49
N ALA A 203 -24.26 -9.71 -11.75
CA ALA A 203 -23.58 -10.91 -12.23
C ALA A 203 -22.08 -10.70 -12.39
N THR A 204 -21.67 -9.56 -12.95
CA THR A 204 -20.26 -9.20 -12.98
C THR A 204 -19.69 -9.14 -11.58
N GLN A 205 -20.42 -8.53 -10.65
CA GLN A 205 -19.97 -8.44 -9.26
C GLN A 205 -19.65 -9.82 -8.71
N GLN A 206 -20.58 -10.76 -8.87
CA GLN A 206 -20.43 -12.11 -8.31
C GLN A 206 -19.23 -12.83 -8.88
N GLN A 207 -19.05 -12.78 -10.20
CA GLN A 207 -17.90 -13.47 -10.76
C GLN A 207 -16.59 -12.89 -10.25
N LEU A 208 -16.54 -11.58 -9.97
CA LEU A 208 -15.33 -10.98 -9.42
C LEU A 208 -15.17 -11.35 -7.95
N ILE A 209 -16.26 -11.32 -7.17
CA ILE A 209 -16.21 -11.82 -5.80
C ILE A 209 -15.67 -13.25 -5.79
N ASP A 210 -16.20 -14.10 -6.67
CA ASP A 210 -15.78 -15.50 -6.72
C ASP A 210 -14.27 -15.63 -6.92
N ASP A 211 -13.69 -14.70 -7.69
CA ASP A 211 -12.25 -14.65 -7.90
C ASP A 211 -11.49 -13.90 -6.80
N HIS A 212 -12.19 -13.30 -5.83
CA HIS A 212 -11.56 -12.42 -4.81
C HIS A 212 -10.92 -11.19 -5.46
N PHE A 213 -11.55 -10.66 -6.49
CA PHE A 213 -11.02 -9.51 -7.21
C PHE A 213 -11.77 -8.22 -6.93
N LEU A 214 -12.94 -8.28 -6.30
CA LEU A 214 -13.76 -7.10 -6.09
C LEU A 214 -13.33 -6.38 -4.83
N PHE A 215 -13.42 -5.06 -4.85
CA PHE A 215 -13.37 -4.29 -3.62
C PHE A 215 -14.66 -3.49 -3.48
N LYS A 216 -14.99 -3.15 -2.25
CA LYS A 216 -16.22 -2.43 -1.96
C LYS A 216 -15.88 -1.03 -1.45
N GLU A 217 -16.93 -0.32 -1.04
CA GLU A 217 -16.76 0.97 -0.39
C GLU A 217 -15.89 0.83 0.85
N GLY A 218 -15.07 1.85 1.11
CA GLY A 218 -14.13 1.79 2.21
C GLY A 218 -14.82 1.87 3.57
N ASP A 219 -14.09 1.40 4.58
CA ASP A 219 -14.57 1.40 5.95
C ASP A 219 -14.51 2.82 6.54
N ARG A 220 -14.93 2.93 7.82
CA ARG A 220 -15.03 4.22 8.48
C ARG A 220 -13.70 4.97 8.49
N PHE A 221 -12.57 4.27 8.51
CA PHE A 221 -11.29 4.99 8.48
C PHE A 221 -11.09 5.71 7.16
N LEU A 222 -11.39 5.03 6.05
CA LEU A 222 -11.33 5.66 4.74
C LEU A 222 -12.42 6.70 4.56
N GLN A 223 -13.62 6.42 5.08
CA GLN A 223 -14.73 7.38 4.98
C GLN A 223 -14.36 8.69 5.66
N ALA A 224 -13.85 8.62 6.89
CA ALA A 224 -13.52 9.84 7.60
C ALA A 224 -12.33 10.56 6.98
N ALA A 225 -11.53 9.86 6.16
CA ALA A 225 -10.45 10.46 5.42
C ALA A 225 -10.91 11.08 4.10
N ASN A 226 -12.21 11.06 3.83
CA ASN A 226 -12.75 11.62 2.58
C ASN A 226 -12.23 10.87 1.34
N ALA A 227 -11.87 9.59 1.50
CA ALA A 227 -11.37 8.80 0.37
C ALA A 227 -12.46 8.04 -0.36
N CYS A 228 -13.72 8.25 -0.01
CA CYS A 228 -14.81 7.51 -0.65
C CYS A 228 -15.85 8.44 -1.27
N ARG A 229 -15.50 9.70 -1.54
CA ARG A 229 -16.47 10.61 -2.12
C ARG A 229 -16.73 10.24 -3.58
N TYR A 230 -17.94 10.54 -4.06
CA TYR A 230 -18.35 10.32 -5.44
C TYR A 230 -18.36 8.84 -5.81
N TRP A 231 -18.45 7.97 -4.82
CA TRP A 231 -18.42 6.53 -5.03
C TRP A 231 -19.57 6.11 -5.93
N PRO A 232 -19.33 5.30 -6.97
CA PRO A 232 -18.06 4.66 -7.32
C PRO A 232 -17.32 5.28 -8.51
N THR A 233 -17.59 6.55 -8.80
CA THR A 233 -16.96 7.23 -9.93
C THR A 233 -15.44 7.12 -9.85
N GLY A 234 -14.84 6.64 -10.95
CA GLY A 234 -13.41 6.49 -11.06
C GLY A 234 -12.82 5.26 -10.40
N ARG A 235 -13.63 4.40 -9.82
CA ARG A 235 -13.15 3.17 -9.17
C ARG A 235 -13.42 1.99 -10.11
N GLY A 236 -12.47 1.06 -10.14
CA GLY A 236 -12.54 -0.02 -11.11
C GLY A 236 -11.47 -1.06 -10.88
N ILE A 237 -11.58 -2.14 -11.65
CA ILE A 237 -10.78 -3.33 -11.46
C ILE A 237 -10.31 -3.81 -12.82
N TYR A 238 -9.02 -4.09 -12.92
CA TYR A 238 -8.46 -4.71 -14.11
C TYR A 238 -7.83 -6.04 -13.74
N HIS A 239 -7.99 -7.05 -14.59
CA HIS A 239 -7.24 -8.29 -14.44
C HIS A 239 -6.98 -8.86 -15.82
N ASN A 240 -5.94 -9.68 -15.91
CA ASN A 240 -5.61 -10.31 -17.18
C ASN A 240 -6.35 -11.63 -17.29
N ASP A 241 -6.42 -12.14 -18.53
CA ASP A 241 -7.18 -13.36 -18.81
C ASP A 241 -6.77 -14.50 -17.89
N ALA A 242 -5.49 -14.64 -17.63
CA ALA A 242 -4.99 -15.74 -16.82
C ALA A 242 -5.24 -15.54 -15.34
N LYS A 243 -5.76 -14.38 -14.93
CA LYS A 243 -6.05 -14.09 -13.52
C LYS A 243 -4.79 -14.26 -12.66
N THR A 244 -3.66 -13.80 -13.18
CA THR A 244 -2.42 -13.75 -12.42
C THR A 244 -1.95 -12.30 -12.25
N PHE A 245 -2.82 -11.34 -12.52
CA PHE A 245 -2.47 -9.94 -12.51
C PHE A 245 -3.73 -9.15 -12.27
N LEU A 246 -3.72 -8.29 -11.24
CA LEU A 246 -4.89 -7.54 -10.81
C LEU A 246 -4.50 -6.10 -10.49
N VAL A 247 -5.34 -5.15 -10.93
CA VAL A 247 -5.18 -3.75 -10.54
C VAL A 247 -6.48 -3.24 -9.95
N TRP A 248 -6.39 -2.57 -8.79
CA TRP A 248 -7.50 -1.79 -8.25
C TRP A 248 -7.24 -0.32 -8.51
N VAL A 249 -8.22 0.34 -9.12
CA VAL A 249 -8.14 1.77 -9.42
C VAL A 249 -8.94 2.52 -8.36
N ASN A 250 -8.22 3.36 -7.62
CA ASN A 250 -8.80 4.28 -6.64
C ASN A 250 -9.51 3.54 -5.50
N GLU A 251 -9.02 2.34 -5.15
CA GLU A 251 -9.53 1.68 -3.97
C GLU A 251 -8.99 2.36 -2.70
N GLU A 252 -7.76 2.83 -2.75
CA GLU A 252 -7.15 3.55 -1.63
C GLU A 252 -6.07 4.46 -2.21
N ASP A 253 -5.12 3.85 -2.89
CA ASP A 253 -4.22 4.56 -3.78
C ASP A 253 -4.85 4.67 -5.18
N HIS A 254 -4.32 5.59 -5.98
CA HIS A 254 -4.72 5.64 -7.38
C HIS A 254 -4.66 4.26 -8.02
N LEU A 255 -3.52 3.57 -7.87
CA LEU A 255 -3.32 2.24 -8.39
C LEU A 255 -2.80 1.32 -7.30
N ARG A 256 -3.43 0.16 -7.14
CA ARG A 256 -2.88 -0.98 -6.43
C ARG A 256 -2.67 -2.06 -7.46
N ILE A 257 -1.41 -2.41 -7.71
CA ILE A 257 -1.02 -3.33 -8.78
C ILE A 257 -0.50 -4.61 -8.11
N ILE A 258 -1.10 -5.76 -8.47
CA ILE A 258 -0.86 -7.04 -7.80
C ILE A 258 -0.55 -8.11 -8.85
N SER A 259 0.41 -8.97 -8.53
CA SER A 259 0.74 -10.12 -9.36
C SER A 259 0.78 -11.35 -8.46
N MET A 260 0.10 -12.42 -8.87
CA MET A 260 -0.03 -13.59 -8.01
C MET A 260 -0.25 -14.84 -8.85
N GLN A 261 -0.03 -16.01 -8.23
CA GLN A 261 -0.41 -17.29 -8.83
C GLN A 261 -0.23 -18.40 -7.81
N LYS A 262 -0.84 -19.55 -8.11
CA LYS A 262 -0.66 -20.76 -7.31
C LYS A 262 0.82 -21.16 -7.31
N GLY A 263 1.26 -21.75 -6.20
CA GLY A 263 2.65 -22.16 -6.10
C GLY A 263 3.56 -21.02 -5.67
N GLY A 264 4.86 -21.20 -5.95
CA GLY A 264 5.85 -20.31 -5.39
C GLY A 264 6.85 -19.72 -6.37
N ASP A 265 6.47 -19.60 -7.64
CA ASP A 265 7.39 -19.03 -8.63
C ASP A 265 7.43 -17.52 -8.48
N LEU A 266 8.13 -17.08 -7.43
CA LEU A 266 8.37 -15.65 -7.18
C LEU A 266 9.00 -14.95 -8.38
N LYS A 267 9.85 -15.65 -9.13
CA LYS A 267 10.54 -15.03 -10.27
C LYS A 267 9.54 -14.55 -11.32
N THR A 268 8.74 -15.49 -11.85
CA THR A 268 7.75 -15.12 -12.86
C THR A 268 6.81 -14.06 -12.32
N ILE A 269 6.41 -14.16 -11.06
CA ILE A 269 5.45 -13.22 -10.48
C ILE A 269 6.02 -11.82 -10.42
N PHE A 270 7.23 -11.68 -9.88
CA PHE A 270 7.87 -10.37 -9.76
C PHE A 270 8.18 -9.78 -11.13
N GLN A 271 8.70 -10.59 -12.05
CA GLN A 271 8.95 -10.08 -13.39
C GLN A 271 7.66 -9.61 -14.05
N ARG A 272 6.56 -10.35 -13.88
CA ARG A 272 5.31 -9.90 -14.46
C ARG A 272 4.89 -8.54 -13.88
N LEU A 273 5.15 -8.34 -12.59
CA LEU A 273 4.76 -7.09 -11.95
C LEU A 273 5.57 -5.92 -12.48
N VAL A 274 6.89 -6.08 -12.57
CA VAL A 274 7.72 -4.95 -13.00
C VAL A 274 7.43 -4.59 -14.45
N ASN A 275 7.14 -5.59 -15.31
CA ASN A 275 6.72 -5.30 -16.67
C ASN A 275 5.45 -4.44 -16.69
N ALA A 276 4.48 -4.78 -15.85
CA ALA A 276 3.24 -4.02 -15.80
C ALA A 276 3.49 -2.60 -15.32
N VAL A 277 4.23 -2.47 -14.21
CA VAL A 277 4.54 -1.14 -13.67
C VAL A 277 5.25 -0.29 -14.71
N ASN A 278 6.26 -0.86 -15.37
CA ASN A 278 7.02 -0.11 -16.38
C ASN A 278 6.11 0.31 -17.53
N THR A 279 5.28 -0.60 -18.04
CA THR A 279 4.32 -0.25 -19.08
C THR A 279 3.47 0.94 -18.69
N ILE A 280 2.87 0.89 -17.50
CA ILE A 280 2.01 2.00 -17.06
C ILE A 280 2.82 3.29 -16.98
N GLU A 281 4.00 3.23 -16.35
CA GLU A 281 4.82 4.43 -16.16
C GLU A 281 5.15 5.11 -17.49
N SER A 282 5.43 4.30 -18.52
CA SER A 282 5.75 4.84 -19.84
C SER A 282 4.69 5.82 -20.34
N LYS A 283 3.44 5.65 -19.92
CA LYS A 283 2.35 6.51 -20.34
C LYS A 283 1.87 7.45 -19.25
N LEU A 284 2.30 7.25 -18.00
CA LEU A 284 1.68 7.91 -16.85
C LEU A 284 2.73 7.99 -15.72
N PRO A 285 3.29 9.18 -15.50
CA PRO A 285 4.35 9.29 -14.49
C PRO A 285 3.82 9.12 -13.08
N PHE A 286 4.67 8.57 -12.22
CA PHE A 286 4.31 8.31 -10.83
C PHE A 286 4.79 9.44 -9.94
N SER A 287 4.08 9.65 -8.84
CA SER A 287 4.52 10.55 -7.79
C SER A 287 5.53 9.84 -6.91
N ARG A 288 6.77 10.33 -6.91
CA ARG A 288 7.89 9.78 -6.14
C ARG A 288 8.68 10.90 -5.49
N ASP A 289 9.11 10.67 -4.25
CA ASP A 289 9.86 11.64 -3.46
C ASP A 289 11.28 11.12 -3.22
N ASP A 290 12.26 12.02 -3.33
CA ASP A 290 13.66 11.63 -3.13
C ASP A 290 13.88 11.00 -1.77
N ARG A 291 13.31 11.58 -0.72
CA ARG A 291 13.57 11.05 0.60
C ARG A 291 12.70 9.82 0.91
N LEU A 292 11.44 9.83 0.49
CA LEU A 292 10.45 8.85 0.95
C LEU A 292 10.15 7.75 -0.06
N GLY A 293 10.64 7.84 -1.29
CA GLY A 293 10.26 6.90 -2.32
C GLY A 293 8.89 7.22 -2.91
N PHE A 294 8.19 6.18 -3.35
CA PHE A 294 6.89 6.36 -3.97
C PHE A 294 5.86 6.81 -2.95
N LEU A 295 5.13 7.87 -3.27
CA LEU A 295 4.23 8.50 -2.32
C LEU A 295 2.86 7.81 -2.37
N THR A 296 2.34 7.46 -1.20
CA THR A 296 1.09 6.74 -1.08
C THR A 296 0.16 7.47 -0.14
N PHE A 297 -1.11 7.10 -0.28
CA PHE A 297 -2.18 7.65 0.56
C PHE A 297 -1.94 7.30 2.04
N CYS A 298 -1.58 6.01 2.33
CA CYS A 298 -1.21 5.67 3.71
C CYS A 298 0.28 5.69 3.87
N PRO A 299 0.80 6.33 4.92
CA PRO A 299 2.26 6.39 5.10
C PRO A 299 2.89 5.04 5.43
N THR A 300 2.10 4.02 5.74
CA THR A 300 2.63 2.67 5.93
C THR A 300 3.10 2.03 4.64
N ASN A 301 2.77 2.60 3.48
CA ASN A 301 3.03 2.00 2.18
C ASN A 301 4.09 2.75 1.38
N LEU A 302 4.88 3.60 2.03
CA LEU A 302 5.87 4.41 1.33
C LEU A 302 7.03 3.55 0.87
N GLY A 303 8.05 4.21 0.30
CA GLY A 303 9.30 3.55 -0.03
C GLY A 303 9.21 2.71 -1.29
N THR A 304 9.45 1.40 -1.14
CA THR A 304 9.16 0.47 -2.23
C THR A 304 7.67 0.32 -2.49
N THR A 305 6.85 0.52 -1.46
CA THR A 305 5.42 0.15 -1.42
C THR A 305 5.18 -1.36 -1.51
N ILE A 306 6.23 -2.17 -1.51
CA ILE A 306 6.09 -3.54 -1.98
C ILE A 306 5.71 -4.44 -0.82
N ARG A 307 4.68 -5.26 -1.04
CA ARG A 307 4.36 -6.34 -0.11
C ARG A 307 4.40 -7.66 -0.87
N ALA A 308 5.43 -8.44 -0.59
CA ALA A 308 5.61 -9.75 -1.17
C ALA A 308 5.22 -10.79 -0.13
N SER A 309 4.36 -11.73 -0.52
CA SER A 309 3.84 -12.68 0.45
C SER A 309 3.67 -14.06 -0.17
N VAL A 310 3.66 -15.08 0.69
CA VAL A 310 3.25 -16.42 0.31
C VAL A 310 2.17 -16.89 1.27
N HIS A 311 1.25 -17.70 0.77
CA HIS A 311 0.37 -18.51 1.60
C HIS A 311 0.99 -19.91 1.73
N ILE A 312 1.39 -20.28 2.95
CA ILE A 312 2.28 -21.41 3.13
C ILE A 312 1.88 -22.21 4.37
N ALA A 313 2.09 -23.54 4.29
CA ALA A 313 1.85 -24.43 5.41
C ALA A 313 3.18 -24.94 5.94
N LEU A 314 3.45 -24.65 7.22
CA LEU A 314 4.66 -25.10 7.91
C LEU A 314 4.20 -25.86 9.16
N PRO A 315 3.65 -27.07 9.00
CA PRO A 315 3.06 -27.74 10.17
C PRO A 315 4.10 -28.07 11.24
N LYS A 316 5.27 -28.54 10.85
CA LYS A 316 6.31 -28.84 11.84
C LYS A 316 6.71 -27.56 12.59
N LEU A 317 6.97 -26.47 11.86
CA LEU A 317 7.35 -25.24 12.54
C LEU A 317 6.21 -24.66 13.36
N ALA A 318 4.96 -25.02 13.04
CA ALA A 318 3.82 -24.61 13.86
C ALA A 318 3.77 -25.35 15.20
N LYS A 319 4.36 -26.54 15.29
CA LYS A 319 4.50 -27.22 16.56
C LYS A 319 5.77 -26.81 17.31
N ASP A 320 6.63 -25.99 16.70
CA ASP A 320 7.81 -25.45 17.36
C ASP A 320 7.64 -23.99 17.77
N LYS A 321 7.14 -23.14 16.85
CA LYS A 321 6.78 -21.74 17.10
C LYS A 321 7.93 -20.89 17.65
N LYS A 322 8.94 -21.53 18.24
CA LYS A 322 10.14 -20.83 18.69
C LYS A 322 11.19 -20.74 17.60
N GLN A 323 11.38 -21.80 16.81
CA GLN A 323 12.31 -21.74 15.69
C GLN A 323 11.75 -20.92 14.53
N LEU A 324 10.42 -20.86 14.40
CA LEU A 324 9.81 -20.10 13.31
C LEU A 324 10.10 -18.61 13.46
N GLU A 325 9.60 -17.99 14.52
CA GLU A 325 9.78 -16.56 14.72
C GLU A 325 11.25 -16.16 14.77
N ALA A 326 12.13 -17.07 15.16
CA ALA A 326 13.56 -16.79 15.04
C ALA A 326 13.94 -16.48 13.60
N ILE A 327 13.29 -17.13 12.65
CA ILE A 327 13.54 -16.89 11.22
C ILE A 327 12.75 -15.69 10.73
N ALA A 328 11.47 -15.61 11.09
CA ALA A 328 10.67 -14.44 10.74
C ALA A 328 11.37 -13.17 11.18
N ALA A 329 11.70 -13.08 12.47
CA ALA A 329 12.37 -11.90 12.99
C ALA A 329 13.72 -11.70 12.33
N LYS A 330 14.43 -12.79 12.03
CA LYS A 330 15.76 -12.64 11.44
C LYS A 330 15.69 -12.17 10.00
N PHE A 331 14.66 -12.60 9.26
CA PHE A 331 14.50 -12.17 7.87
C PHE A 331 13.46 -11.08 7.74
N ASN A 332 13.02 -10.50 8.86
CA ASN A 332 12.14 -9.34 8.86
C ASN A 332 10.81 -9.69 8.20
N LEU A 333 10.34 -10.90 8.45
CA LEU A 333 9.07 -11.35 7.92
C LEU A 333 7.99 -11.20 8.98
N GLN A 334 6.77 -10.98 8.52
CA GLN A 334 5.60 -10.89 9.40
C GLN A 334 4.76 -12.12 9.14
N VAL A 335 4.37 -12.81 10.22
CA VAL A 335 3.60 -14.04 10.13
C VAL A 335 2.17 -13.75 10.58
N ARG A 336 1.24 -13.81 9.64
CA ARG A 336 -0.18 -13.61 9.91
C ARG A 336 -0.93 -14.93 9.82
N GLY A 347 -4.23 -23.72 13.37
CA GLY A 347 -4.20 -24.19 12.01
C GLY A 347 -2.81 -24.59 11.60
N GLY A 348 -2.52 -24.49 10.30
CA GLY A 348 -1.17 -24.73 9.82
C GLY A 348 -0.71 -23.81 8.70
N VAL A 349 -1.65 -23.10 8.08
CA VAL A 349 -1.43 -22.37 6.84
C VAL A 349 -1.27 -20.89 7.16
N TYR A 350 -0.08 -20.35 6.91
CA TYR A 350 0.25 -18.97 7.23
C TYR A 350 0.29 -18.11 5.98
N ASP A 351 0.04 -16.82 6.19
CA ASP A 351 0.40 -15.78 5.23
C ASP A 351 1.65 -15.09 5.77
N ILE A 352 2.74 -15.16 5.02
CA ILE A 352 4.01 -14.62 5.45
C ILE A 352 4.48 -13.60 4.43
N SER A 353 4.85 -12.42 4.92
CA SER A 353 5.21 -11.29 4.07
C SER A 353 6.36 -10.51 4.68
N ASN A 354 7.06 -9.77 3.83
CA ASN A 354 8.14 -8.91 4.27
C ASN A 354 7.57 -7.73 5.06
N LYS A 355 8.27 -7.34 6.11
CA LYS A 355 7.81 -6.23 6.94
C LYS A 355 8.26 -4.89 6.41
N ARG A 356 9.42 -4.81 5.80
CA ARG A 356 10.04 -3.53 5.50
C ARG A 356 9.59 -2.99 4.16
N ARG A 357 9.32 -1.70 4.12
CA ARG A 357 8.99 -0.98 2.89
C ARG A 357 9.96 0.16 2.56
N MET A 358 10.54 0.82 3.56
CA MET A 358 11.41 1.95 3.38
C MET A 358 12.86 1.60 3.73
N GLY A 359 13.80 2.31 3.13
CA GLY A 359 15.19 2.10 3.46
C GLY A 359 15.88 0.97 2.72
N LEU A 360 15.17 0.23 1.86
CA LEU A 360 15.74 -0.84 1.05
C LEU A 360 15.09 -0.78 -0.32
N THR A 361 15.77 -1.34 -1.32
CA THR A 361 15.24 -1.31 -2.67
C THR A 361 14.14 -2.37 -2.86
N GLU A 362 13.47 -2.29 -4.03
CA GLU A 362 12.46 -3.26 -4.39
C GLU A 362 13.08 -4.66 -4.46
N TYR A 363 14.26 -4.77 -5.08
CA TYR A 363 14.95 -6.05 -5.14
C TYR A 363 15.22 -6.60 -3.75
N GLN A 364 15.78 -5.77 -2.85
CA GLN A 364 16.14 -6.25 -1.53
C GLN A 364 14.91 -6.69 -0.74
N ALA A 365 13.80 -6.00 -0.92
CA ALA A 365 12.57 -6.41 -0.25
C ALA A 365 12.16 -7.79 -0.72
N VAL A 366 12.14 -8.00 -2.04
CA VAL A 366 11.70 -9.28 -2.60
C VAL A 366 12.70 -10.37 -2.25
N LYS A 367 14.00 -10.08 -2.37
CA LYS A 367 15.04 -11.03 -1.99
C LYS A 367 14.98 -11.38 -0.51
N GLU A 368 14.55 -10.44 0.32
CA GLU A 368 14.42 -10.70 1.75
C GLU A 368 13.29 -11.68 2.04
N MET A 369 12.14 -11.47 1.40
CA MET A 369 11.06 -12.46 1.47
C MET A 369 11.53 -13.80 0.94
N GLN A 370 12.09 -13.83 -0.28
CA GLN A 370 12.60 -15.06 -0.85
C GLN A 370 13.52 -15.81 0.13
N ASP A 371 14.53 -15.10 0.66
CA ASP A 371 15.51 -15.76 1.54
C ASP A 371 14.83 -16.30 2.78
N GLY A 372 13.93 -15.52 3.37
CA GLY A 372 13.24 -15.99 4.56
C GLY A 372 12.42 -17.23 4.31
N ILE A 373 11.65 -17.24 3.22
CA ILE A 373 10.82 -18.40 2.92
C ILE A 373 11.69 -19.63 2.65
N LEU A 374 12.72 -19.47 1.81
CA LEU A 374 13.67 -20.56 1.56
C LEU A 374 14.20 -21.16 2.86
N GLU A 375 14.56 -20.30 3.81
CA GLU A 375 15.12 -20.77 5.08
C GLU A 375 14.07 -21.52 5.90
N MET A 376 12.85 -20.99 5.97
CA MET A 376 11.81 -21.66 6.74
C MET A 376 11.47 -23.02 6.15
N ILE A 377 11.38 -23.11 4.82
CA ILE A 377 11.14 -24.40 4.19
C ILE A 377 12.31 -25.35 4.46
N LYS A 378 13.53 -24.83 4.42
CA LYS A 378 14.69 -25.63 4.80
C LYS A 378 14.54 -26.18 6.22
N MET A 379 14.11 -25.32 7.16
CA MET A 379 13.91 -25.78 8.53
C MET A 379 12.78 -26.78 8.61
N GLU A 380 11.68 -26.53 7.89
CA GLU A 380 10.56 -27.47 7.88
C GLU A 380 11.00 -28.84 7.39
N GLU A 381 11.83 -28.88 6.34
CA GLU A 381 12.26 -30.15 5.76
C GLU A 381 13.17 -30.93 6.70
N ALA A 382 13.95 -30.24 7.53
CA ALA A 382 14.87 -30.90 8.44
C ALA A 382 14.25 -31.22 9.79
N ALA A 383 13.16 -30.55 10.14
CA ALA A 383 12.49 -30.77 11.41
C ALA A 383 12.08 -32.23 11.56
N PRO A 384 11.99 -32.74 12.81
CA PRO A 384 11.63 -34.11 13.23
C PRO A 384 10.88 -34.96 12.20
#